data_1SZ3
#
_entry.id   1SZ3
#
_cell.length_a   53.072
_cell.length_b   53.072
_cell.length_c   122.197
_cell.angle_alpha   90.00
_cell.angle_beta   90.00
_cell.angle_gamma   90.00
#
_symmetry.space_group_name_H-M   'P 41'
#
loop_
_entity.id
_entity.type
_entity.pdbx_description
1 polymer 'MutT/nudix family protein'
2 non-polymer 'MAGNESIUM ION'
3 non-polymer 'PHOSPHOAMINOPHOSPHONIC ACID-GUANYLATE ESTER'
4 water water
#
_entity_poly.entity_id   1
_entity_poly.type   'polypeptide(L)'
_entity_poly.pdbx_seq_one_letter_code
;MEHDERTHVPVELRAAGVVLLNERGDILLVQEKGIPGHPEKAGLWHIPSGAVEDGENPQDAAVREACEETGLRVRPVKFL
GAYLGRFPDGVLILRHVWLAEPEPGQTLAPAFTDEIAEASFVSREDFAQLYAAGQIRMYQTKLFYADALREKGFPALPV
;
_entity_poly.pdbx_strand_id   A,B
#
loop_
_chem_comp.id
_chem_comp.type
_chem_comp.name
_chem_comp.formula
GNP non-polymer 'PHOSPHOAMINOPHOSPHONIC ACID-GUANYLATE ESTER' 'C10 H17 N6 O13 P3'
MG non-polymer 'MAGNESIUM ION' 'Mg 2'
#
# COMPACT_ATOMS: atom_id res chain seq x y z
N MET A 1 -7.97 5.87 11.60
CA MET A 1 -7.05 6.86 12.09
C MET A 1 -7.11 6.96 13.59
N GLU A 2 -7.18 8.21 13.99
CA GLU A 2 -7.20 8.65 15.36
C GLU A 2 -8.61 9.09 15.85
N HIS A 3 -8.78 9.95 16.86
CA HIS A 3 -10.17 10.14 17.38
C HIS A 3 -11.17 11.11 16.71
N ASP A 4 -10.70 11.89 15.73
CA ASP A 4 -11.54 12.77 14.97
C ASP A 4 -12.42 11.87 14.12
N GLU A 5 -13.73 11.96 14.29
CA GLU A 5 -14.65 11.11 13.54
C GLU A 5 -14.63 11.27 12.03
N ARG A 6 -14.76 10.14 11.35
CA ARG A 6 -14.82 10.10 9.90
C ARG A 6 -15.68 8.90 9.52
N THR A 7 -16.28 8.95 8.34
CA THR A 7 -17.12 7.86 7.87
C THR A 7 -16.30 6.96 6.95
N HIS A 8 -16.81 5.76 6.70
CA HIS A 8 -16.13 4.80 5.84
C HIS A 8 -16.51 5.08 4.39
N VAL A 9 -15.52 5.02 3.51
CA VAL A 9 -15.77 5.20 2.08
C VAL A 9 -15.42 3.86 1.45
N PRO A 10 -16.45 3.02 1.22
CA PRO A 10 -16.23 1.70 0.63
C PRO A 10 -15.54 1.72 -0.72
N VAL A 11 -14.53 0.87 -0.88
CA VAL A 11 -13.82 0.76 -2.14
C VAL A 11 -14.12 -0.66 -2.64
N GLU A 12 -14.92 -0.74 -3.69
CA GLU A 12 -15.35 -2.02 -4.25
C GLU A 12 -14.30 -2.81 -5.01
N LEU A 13 -13.41 -2.11 -5.71
CA LEU A 13 -12.39 -2.79 -6.50
C LEU A 13 -10.99 -2.35 -6.11
N ARG A 14 -10.08 -3.28 -6.13
CA ARG A 14 -8.70 -2.92 -5.89
C ARG A 14 -7.84 -3.63 -6.94
N ALA A 15 -6.81 -2.90 -7.38
CA ALA A 15 -5.88 -3.39 -8.39
C ALA A 15 -4.47 -3.27 -7.84
N ALA A 16 -3.57 -4.13 -8.29
CA ALA A 16 -2.19 -4.09 -7.83
C ALA A 16 -1.25 -4.36 -8.98
N GLY A 17 -0.17 -3.58 -9.04
CA GLY A 17 0.80 -3.74 -10.11
C GLY A 17 2.19 -3.36 -9.66
N VAL A 18 3.12 -3.38 -10.60
CA VAL A 18 4.49 -3.06 -10.25
C VAL A 18 5.21 -2.20 -11.26
N VAL A 19 6.16 -1.46 -10.74
CA VAL A 19 7.07 -0.70 -11.59
C VAL A 19 8.29 -1.57 -11.56
N LEU A 20 8.42 -2.45 -12.55
CA LEU A 20 9.54 -3.37 -12.62
C LEU A 20 10.69 -2.79 -13.44
N LEU A 21 11.83 -2.56 -12.81
CA LEU A 21 12.99 -2.02 -13.49
C LEU A 21 14.08 -3.07 -13.61
N ASN A 22 14.82 -3.03 -14.71
CA ASN A 22 15.92 -3.96 -14.87
C ASN A 22 17.19 -3.25 -14.39
N GLU A 23 18.34 -3.88 -14.59
CA GLU A 23 19.61 -3.31 -14.16
C GLU A 23 19.96 -1.95 -14.78
N ARG A 24 19.40 -1.65 -15.95
CA ARG A 24 19.69 -0.39 -16.62
C ARG A 24 18.68 0.71 -16.31
N GLY A 25 17.62 0.36 -15.59
CA GLY A 25 16.62 1.36 -15.27
C GLY A 25 15.48 1.37 -16.27
N ASP A 26 15.46 0.40 -17.18
CA ASP A 26 14.38 0.32 -18.16
C ASP A 26 13.14 -0.19 -17.43
N ILE A 27 11.97 0.22 -17.89
CA ILE A 27 10.72 -0.17 -17.25
C ILE A 27 9.93 -1.18 -18.08
N LEU A 28 9.33 -2.15 -17.39
CA LEU A 28 8.52 -3.17 -18.05
C LEU A 28 7.09 -2.65 -18.20
N LEU A 29 6.64 -2.55 -19.45
CA LEU A 29 5.30 -2.07 -19.75
C LEU A 29 4.49 -3.09 -20.54
N VAL A 30 3.18 -3.01 -20.38
CA VAL A 30 2.24 -3.90 -21.06
C VAL A 30 1.39 -3.05 -21.99
N GLN A 31 1.19 -3.52 -23.21
CA GLN A 31 0.40 -2.78 -24.19
C GLN A 31 -0.99 -3.37 -24.44
N GLU A 32 -1.98 -2.47 -24.50
CA GLU A 32 -3.37 -2.85 -24.77
C GLU A 32 -3.49 -3.32 -26.22
N LYS A 33 -4.51 -4.10 -26.51
CA LYS A 33 -4.70 -4.60 -27.86
C LYS A 33 -5.67 -3.70 -28.64
N GLY A 34 -5.11 -2.76 -29.38
CA GLY A 34 -5.92 -1.84 -30.16
C GLY A 34 -6.59 -0.78 -29.29
N ILE A 35 -7.55 -0.06 -29.87
CA ILE A 35 -8.27 0.98 -29.15
C ILE A 35 -9.76 0.94 -29.49
N PRO A 39 -8.74 2.53 -35.25
CA PRO A 39 -8.56 1.28 -36.01
C PRO A 39 -7.10 0.98 -36.31
N GLU A 40 -6.44 2.07 -36.73
CA GLU A 40 -5.02 2.05 -37.10
C GLU A 40 -4.13 2.67 -36.01
N LYS A 41 -4.67 2.90 -34.79
CA LYS A 41 -3.86 3.43 -33.69
C LYS A 41 -3.39 2.25 -32.81
N ALA A 42 -2.16 2.31 -32.32
CA ALA A 42 -1.63 1.24 -31.47
C ALA A 42 -2.22 1.39 -30.07
N GLY A 43 -2.37 0.27 -29.37
CA GLY A 43 -2.91 0.31 -28.02
C GLY A 43 -1.98 1.07 -27.09
N LEU A 44 -2.51 1.60 -25.99
CA LEU A 44 -1.69 2.35 -25.05
C LEU A 44 -0.94 1.45 -24.07
N TRP A 45 0.05 2.00 -23.40
CA TRP A 45 0.89 1.24 -22.46
C TRP A 45 0.63 1.51 -20.99
N HIS A 46 0.75 0.47 -20.19
CA HIS A 46 0.56 0.58 -18.74
C HIS A 46 1.47 -0.40 -18.00
N ILE A 47 1.57 -0.26 -16.69
CA ILE A 47 2.41 -1.17 -15.91
C ILE A 47 1.68 -2.50 -15.77
N PRO A 48 2.42 -3.58 -15.49
CA PRO A 48 1.77 -4.89 -15.32
C PRO A 48 0.93 -4.71 -14.06
N SER A 49 -0.37 -4.98 -14.17
CA SER A 49 -1.27 -4.78 -13.03
C SER A 49 -2.58 -5.49 -13.30
N GLY A 50 -3.25 -5.89 -12.24
CA GLY A 50 -4.52 -6.57 -12.40
C GLY A 50 -5.34 -6.52 -11.14
N ALA A 51 -6.55 -7.06 -11.23
CA ALA A 51 -7.46 -7.07 -10.10
C ALA A 51 -6.99 -7.89 -8.90
N VAL A 52 -7.22 -7.33 -7.72
CA VAL A 52 -6.92 -7.99 -6.48
C VAL A 52 -8.15 -8.76 -6.08
N GLU A 53 -8.02 -10.07 -5.83
CA GLU A 53 -9.18 -10.84 -5.43
C GLU A 53 -9.67 -10.32 -4.09
N ASP A 54 -10.98 -10.28 -3.88
CA ASP A 54 -11.52 -9.79 -2.62
C ASP A 54 -10.91 -10.61 -1.47
N GLY A 55 -10.28 -9.93 -0.53
CA GLY A 55 -9.67 -10.61 0.59
C GLY A 55 -8.21 -10.99 0.42
N GLU A 56 -7.72 -11.12 -0.81
CA GLU A 56 -6.33 -11.48 -1.00
C GLU A 56 -5.41 -10.28 -0.85
N ASN A 57 -4.19 -10.55 -0.41
CA ASN A 57 -3.20 -9.50 -0.17
C ASN A 57 -2.81 -8.79 -1.47
N PRO A 58 -2.97 -7.46 -1.51
CA PRO A 58 -2.63 -6.69 -2.71
C PRO A 58 -1.18 -6.83 -3.15
N GLN A 59 -0.28 -6.99 -2.19
CA GLN A 59 1.14 -7.13 -2.53
C GLN A 59 1.34 -8.44 -3.29
N ASP A 60 0.72 -9.51 -2.82
CA ASP A 60 0.83 -10.80 -3.49
C ASP A 60 0.19 -10.73 -4.87
N ALA A 61 -0.92 -10.00 -4.97
CA ALA A 61 -1.62 -9.84 -6.24
C ALA A 61 -0.71 -9.16 -7.28
N ALA A 62 0.03 -8.16 -6.84
CA ALA A 62 0.92 -7.43 -7.75
C ALA A 62 1.95 -8.37 -8.34
N VAL A 63 2.51 -9.22 -7.48
CA VAL A 63 3.50 -10.21 -7.88
C VAL A 63 2.88 -11.23 -8.83
N ARG A 64 1.69 -11.70 -8.49
CA ARG A 64 0.98 -12.69 -9.30
C ARG A 64 0.68 -12.14 -10.69
N GLU A 65 0.08 -10.96 -10.72
CA GLU A 65 -0.29 -10.30 -11.97
C GLU A 65 0.90 -10.05 -12.89
N ALA A 66 2.02 -9.60 -12.31
CA ALA A 66 3.20 -9.34 -13.11
C ALA A 66 3.62 -10.61 -13.84
N CYS A 67 3.60 -11.73 -13.13
CA CYS A 67 3.97 -13.01 -13.72
C CYS A 67 2.96 -13.46 -14.78
N GLU A 68 1.68 -13.32 -14.45
CA GLU A 68 0.63 -13.70 -15.39
C GLU A 68 0.70 -12.95 -16.71
N GLU A 69 1.03 -11.66 -16.65
CA GLU A 69 1.07 -10.85 -17.87
C GLU A 69 2.38 -10.84 -18.62
N THR A 70 3.50 -10.99 -17.93
CA THR A 70 4.81 -10.93 -18.57
C THR A 70 5.61 -12.23 -18.56
N GLY A 71 5.18 -13.19 -17.76
CA GLY A 71 5.90 -14.45 -17.65
C GLY A 71 7.11 -14.34 -16.73
N LEU A 72 7.27 -13.18 -16.12
CA LEU A 72 8.40 -12.96 -15.21
C LEU A 72 8.05 -13.05 -13.74
N ARG A 73 8.84 -13.83 -13.00
CA ARG A 73 8.65 -13.95 -11.57
C ARG A 73 9.34 -12.70 -11.02
N VAL A 74 8.65 -11.96 -10.16
CA VAL A 74 9.25 -10.74 -9.62
C VAL A 74 9.20 -10.68 -8.11
N ARG A 75 10.09 -9.88 -7.55
CA ARG A 75 10.15 -9.72 -6.11
C ARG A 75 9.77 -8.29 -5.74
N PRO A 76 8.77 -8.12 -4.88
CA PRO A 76 8.39 -6.75 -4.50
C PRO A 76 9.53 -6.19 -3.65
N VAL A 77 9.98 -4.99 -3.99
CA VAL A 77 11.08 -4.36 -3.28
C VAL A 77 10.62 -3.33 -2.26
N LYS A 78 9.71 -2.46 -2.67
CA LYS A 78 9.19 -1.42 -1.80
C LYS A 78 7.87 -0.87 -2.32
N PHE A 79 6.96 -0.55 -1.40
CA PHE A 79 5.66 0.01 -1.76
C PHE A 79 5.91 1.42 -2.28
N LEU A 80 5.30 1.78 -3.40
CA LEU A 80 5.48 3.12 -3.94
C LEU A 80 4.27 4.00 -3.67
N GLY A 81 3.06 3.46 -3.82
CA GLY A 81 1.89 4.28 -3.56
C GLY A 81 0.59 3.67 -4.03
N ALA A 82 -0.52 4.31 -3.67
CA ALA A 82 -1.83 3.85 -4.08
C ALA A 82 -2.63 5.09 -4.41
N TYR A 83 -3.48 4.99 -5.44
CA TYR A 83 -4.30 6.13 -5.80
C TYR A 83 -5.71 5.67 -6.13
N LEU A 84 -6.64 6.60 -6.07
CA LEU A 84 -8.05 6.31 -6.24
C LEU A 84 -8.73 6.85 -7.49
N GLY A 85 -9.54 6.00 -8.12
CA GLY A 85 -10.28 6.38 -9.31
C GLY A 85 -11.75 6.00 -9.16
N ARG A 86 -12.61 6.62 -9.96
CA ARG A 86 -14.04 6.33 -9.88
C ARG A 86 -14.63 6.12 -11.28
N PHE A 87 -15.25 4.97 -11.49
CA PHE A 87 -15.87 4.70 -12.79
C PHE A 87 -17.15 5.53 -12.88
N PRO A 88 -17.67 5.75 -14.10
CA PRO A 88 -18.90 6.54 -14.29
C PRO A 88 -20.08 6.12 -13.42
N ASP A 89 -20.19 4.82 -13.12
CA ASP A 89 -21.29 4.35 -12.30
C ASP A 89 -21.08 4.57 -10.80
N GLY A 90 -19.96 5.21 -10.43
CA GLY A 90 -19.69 5.49 -9.04
C GLY A 90 -18.78 4.51 -8.33
N VAL A 91 -18.46 3.41 -8.98
CA VAL A 91 -17.59 2.40 -8.38
C VAL A 91 -16.18 2.93 -8.17
N LEU A 92 -15.65 2.75 -6.95
CA LEU A 92 -14.30 3.18 -6.65
C LEU A 92 -13.28 2.06 -6.85
N ILE A 93 -12.11 2.43 -7.35
CA ILE A 93 -11.05 1.46 -7.53
C ILE A 93 -9.75 2.03 -6.96
N LEU A 94 -9.12 1.26 -6.08
CA LEU A 94 -7.87 1.68 -5.46
C LEU A 94 -6.74 0.89 -6.12
N ARG A 95 -5.85 1.60 -6.79
CA ARG A 95 -4.72 0.96 -7.46
C ARG A 95 -3.47 1.04 -6.58
N HIS A 96 -2.80 -0.09 -6.40
CA HIS A 96 -1.58 -0.16 -5.57
C HIS A 96 -0.38 -0.42 -6.46
N VAL A 97 0.74 0.23 -6.15
CA VAL A 97 1.95 0.06 -6.94
C VAL A 97 3.20 -0.21 -6.11
N TRP A 98 3.95 -1.24 -6.51
CA TRP A 98 5.19 -1.60 -5.83
C TRP A 98 6.36 -1.52 -6.79
N LEU A 99 7.50 -1.20 -6.23
CA LEU A 99 8.75 -1.20 -6.96
C LEU A 99 9.13 -2.66 -6.96
N ALA A 100 9.49 -3.23 -8.08
CA ALA A 100 9.85 -4.64 -8.07
C ALA A 100 11.07 -4.89 -8.93
N GLU A 101 11.66 -6.06 -8.71
CA GLU A 101 12.84 -6.49 -9.44
C GLU A 101 12.57 -7.90 -9.93
N PRO A 102 13.02 -8.23 -11.14
CA PRO A 102 12.78 -9.58 -11.66
C PRO A 102 13.79 -10.54 -11.06
N GLU A 103 13.37 -11.78 -10.85
CA GLU A 103 14.30 -12.78 -10.33
C GLU A 103 15.23 -13.02 -11.52
N PRO A 104 16.49 -13.39 -11.24
CA PRO A 104 17.47 -13.65 -12.31
C PRO A 104 17.19 -14.84 -13.24
N GLY A 105 17.86 -14.83 -14.38
CA GLY A 105 17.73 -15.91 -15.35
C GLY A 105 16.36 -16.14 -15.97
N GLN A 106 15.65 -15.07 -16.28
CA GLN A 106 14.33 -15.20 -16.87
C GLN A 106 14.20 -14.57 -18.25
N THR A 107 13.20 -15.06 -18.98
CA THR A 107 12.92 -14.59 -20.34
C THR A 107 11.53 -13.97 -20.41
N LEU A 108 11.45 -12.77 -20.96
CA LEU A 108 10.17 -12.09 -21.12
C LEU A 108 9.31 -12.91 -22.08
N ALA A 109 8.13 -13.30 -21.62
CA ALA A 109 7.19 -14.09 -22.42
C ALA A 109 5.76 -13.66 -22.11
N PRO A 110 5.33 -12.53 -22.69
CA PRO A 110 3.99 -11.95 -22.50
C PRO A 110 2.81 -12.88 -22.79
N ALA A 111 1.72 -12.65 -22.07
CA ALA A 111 0.50 -13.41 -22.25
C ALA A 111 -0.35 -12.63 -23.25
N PHE A 112 -0.52 -13.19 -24.44
CA PHE A 112 -1.28 -12.52 -25.48
C PHE A 112 -2.76 -12.87 -25.34
N THR A 113 -3.56 -11.88 -25.00
CA THR A 113 -5.00 -12.05 -24.81
C THR A 113 -5.75 -10.93 -25.51
N ASP A 114 -7.07 -10.91 -25.35
CA ASP A 114 -7.89 -9.87 -25.96
C ASP A 114 -7.64 -8.54 -25.26
N GLU A 115 -6.91 -8.59 -24.16
CA GLU A 115 -6.60 -7.38 -23.39
C GLU A 115 -5.14 -6.98 -23.48
N ILE A 116 -4.27 -7.92 -23.85
CA ILE A 116 -2.83 -7.64 -23.94
C ILE A 116 -2.24 -7.97 -25.30
N ALA A 117 -1.64 -6.97 -25.94
CA ALA A 117 -1.01 -7.12 -27.25
C ALA A 117 0.41 -7.67 -27.08
N GLU A 118 1.08 -7.19 -26.05
CA GLU A 118 2.43 -7.62 -25.73
C GLU A 118 2.96 -6.86 -24.53
N ALA A 119 4.20 -7.12 -24.15
CA ALA A 119 4.81 -6.44 -23.02
C ALA A 119 6.28 -6.36 -23.33
N SER A 120 6.93 -5.32 -22.83
CA SER A 120 8.34 -5.17 -23.09
C SER A 120 9.00 -4.12 -22.22
N PHE A 121 10.33 -4.19 -22.18
CA PHE A 121 11.12 -3.23 -21.45
C PHE A 121 11.33 -2.04 -22.36
N VAL A 122 11.17 -0.85 -21.80
CA VAL A 122 11.32 0.40 -22.53
C VAL A 122 12.31 1.28 -21.78
N SER A 123 13.24 1.89 -22.51
CA SER A 123 14.24 2.73 -21.86
C SER A 123 13.66 4.03 -21.34
N ARG A 124 14.40 4.69 -20.46
CA ARG A 124 13.94 5.95 -19.89
C ARG A 124 13.69 6.96 -21.00
N GLU A 125 14.63 7.05 -21.94
CA GLU A 125 14.52 7.98 -23.05
C GLU A 125 13.28 7.72 -23.90
N ASP A 126 13.05 6.46 -24.26
CA ASP A 126 11.88 6.17 -25.08
C ASP A 126 10.59 6.29 -24.28
N PHE A 127 10.66 6.09 -22.97
CA PHE A 127 9.46 6.22 -22.16
C PHE A 127 9.06 7.68 -22.20
N ALA A 128 10.05 8.56 -22.12
CA ALA A 128 9.78 10.00 -22.16
C ALA A 128 9.07 10.36 -23.46
N GLN A 129 9.47 9.74 -24.56
CA GLN A 129 8.85 9.99 -25.86
C GLN A 129 7.42 9.48 -25.86
N LEU A 130 7.22 8.25 -25.37
CA LEU A 130 5.91 7.66 -25.31
C LEU A 130 4.95 8.52 -24.49
N TYR A 131 5.44 9.04 -23.38
CA TYR A 131 4.63 9.88 -22.52
C TYR A 131 4.22 11.17 -23.24
N ALA A 132 5.20 11.82 -23.88
CA ALA A 132 4.92 13.06 -24.61
C ALA A 132 3.92 12.81 -25.73
N ALA A 133 4.00 11.62 -26.33
CA ALA A 133 3.14 11.23 -27.44
C ALA A 133 1.75 10.81 -27.00
N GLY A 134 1.51 10.81 -25.69
CA GLY A 134 0.21 10.42 -25.16
C GLY A 134 -0.06 8.94 -25.29
N GLN A 135 0.99 8.13 -25.17
CA GLN A 135 0.85 6.69 -25.31
C GLN A 135 0.88 5.93 -23.99
N ILE A 136 0.93 6.65 -22.87
CA ILE A 136 0.92 6.03 -21.55
C ILE A 136 -0.50 6.22 -21.03
N ARG A 137 -1.25 5.14 -20.94
CA ARG A 137 -2.65 5.19 -20.52
C ARG A 137 -2.91 5.99 -19.25
N MET A 138 -2.16 5.69 -18.19
CA MET A 138 -2.33 6.41 -16.94
C MET A 138 -1.07 7.21 -16.65
N TYR A 139 -1.23 8.53 -16.54
CA TYR A 139 -0.08 9.38 -16.30
C TYR A 139 0.64 9.02 -15.01
N GLN A 140 -0.06 8.38 -14.08
CA GLN A 140 0.54 7.97 -12.81
C GLN A 140 1.75 7.07 -13.07
N THR A 141 1.76 6.39 -14.20
CA THR A 141 2.88 5.51 -14.55
C THR A 141 4.18 6.31 -14.56
N LYS A 142 4.15 7.51 -15.12
CA LYS A 142 5.33 8.35 -15.17
C LYS A 142 5.73 8.79 -13.76
N LEU A 143 4.75 9.13 -12.93
CA LEU A 143 5.04 9.55 -11.57
C LEU A 143 5.73 8.44 -10.79
N PHE A 144 5.20 7.23 -10.88
CA PHE A 144 5.77 6.11 -10.16
C PHE A 144 7.10 5.64 -10.75
N TYR A 145 7.28 5.80 -12.06
CA TYR A 145 8.53 5.43 -12.70
C TYR A 145 9.60 6.36 -12.15
N ALA A 146 9.25 7.64 -12.03
CA ALA A 146 10.18 8.63 -11.49
C ALA A 146 10.55 8.26 -10.05
N ASP A 147 9.55 7.87 -9.26
CA ASP A 147 9.80 7.48 -7.88
C ASP A 147 10.75 6.29 -7.84
N ALA A 148 10.47 5.30 -8.67
CA ALA A 148 11.28 4.09 -8.73
C ALA A 148 12.73 4.42 -9.10
N LEU A 149 12.90 5.28 -10.10
CA LEU A 149 14.24 5.67 -10.52
C LEU A 149 14.99 6.31 -9.35
N ARG A 150 14.33 7.18 -8.61
CA ARG A 150 14.97 7.83 -7.45
C ARG A 150 15.35 6.83 -6.38
N GLU A 151 14.44 5.90 -6.10
CA GLU A 151 14.68 4.87 -5.09
C GLU A 151 15.91 4.01 -5.41
N LYS A 152 16.06 3.65 -6.67
CA LYS A 152 17.18 2.80 -7.10
C LYS A 152 18.46 3.59 -7.38
N GLY A 153 18.35 4.92 -7.43
CA GLY A 153 19.52 5.74 -7.70
C GLY A 153 19.84 5.94 -9.16
N PHE A 154 18.88 5.63 -10.03
CA PHE A 154 19.06 5.77 -11.48
C PHE A 154 18.84 7.23 -11.88
N PRO A 155 19.34 7.63 -13.05
CA PRO A 155 19.16 9.00 -13.52
C PRO A 155 17.67 9.24 -13.71
N ALA A 156 17.22 10.49 -13.61
CA ALA A 156 15.80 10.80 -13.76
C ALA A 156 15.38 10.84 -15.22
N LEU A 157 14.07 10.79 -15.46
CA LEU A 157 13.54 10.85 -16.82
C LEU A 157 13.96 12.17 -17.46
N PRO A 158 14.22 12.15 -18.79
CA PRO A 158 14.64 13.32 -19.56
C PRO A 158 13.92 14.62 -19.21
N MET B 1 -7.46 2.67 -15.76
CA MET B 1 -6.08 2.23 -15.70
C MET B 1 -5.69 1.42 -16.94
N GLU B 2 -6.59 0.45 -17.09
CA GLU B 2 -6.72 -0.54 -18.14
C GLU B 2 -7.95 -0.14 -18.93
N HIS B 3 -7.77 0.91 -19.68
CA HIS B 3 -8.71 1.52 -20.62
C HIS B 3 -10.20 1.81 -20.27
N ASP B 4 -10.88 1.21 -19.29
CA ASP B 4 -12.25 1.72 -19.02
C ASP B 4 -12.12 3.07 -18.30
N GLU B 5 -12.64 4.14 -18.88
CA GLU B 5 -12.49 5.47 -18.28
C GLU B 5 -13.00 5.62 -16.85
N ARG B 6 -12.22 6.35 -16.06
CA ARG B 6 -12.57 6.64 -14.68
C ARG B 6 -12.00 8.02 -14.35
N THR B 7 -12.61 8.68 -13.37
CA THR B 7 -12.13 9.98 -12.96
C THR B 7 -11.22 9.84 -11.75
N HIS B 8 -10.48 10.89 -11.44
CA HIS B 8 -9.57 10.87 -10.31
C HIS B 8 -10.32 11.30 -9.06
N VAL B 9 -10.09 10.59 -7.97
CA VAL B 9 -10.72 10.95 -6.70
C VAL B 9 -9.56 11.38 -5.81
N PRO B 10 -9.33 12.70 -5.71
CA PRO B 10 -8.23 13.22 -4.88
C PRO B 10 -8.31 12.82 -3.42
N VAL B 11 -7.18 12.36 -2.89
CA VAL B 11 -7.07 11.99 -1.48
C VAL B 11 -6.09 12.98 -0.86
N GLU B 12 -6.62 13.88 -0.04
CA GLU B 12 -5.83 14.93 0.59
C GLU B 12 -4.88 14.51 1.70
N LEU B 13 -5.29 13.52 2.48
CA LEU B 13 -4.48 13.05 3.59
C LEU B 13 -4.16 11.57 3.50
N ARG B 14 -2.96 11.21 3.93
CA ARG B 14 -2.55 9.82 3.95
C ARG B 14 -1.92 9.54 5.30
N ALA B 15 -2.25 8.39 5.86
CA ALA B 15 -1.68 7.96 7.15
C ALA B 15 -1.04 6.60 6.94
N ALA B 16 -0.01 6.29 7.73
CA ALA B 16 0.67 5.01 7.60
C ALA B 16 1.00 4.46 8.98
N GLY B 17 0.75 3.18 9.18
CA GLY B 17 1.02 2.57 10.46
C GLY B 17 1.38 1.12 10.34
N VAL B 18 1.57 0.47 11.47
CA VAL B 18 1.96 -0.93 11.45
C VAL B 18 1.27 -1.80 12.47
N VAL B 19 1.10 -3.04 12.12
CA VAL B 19 0.65 -4.05 13.04
C VAL B 19 1.97 -4.72 13.42
N LEU B 20 2.51 -4.29 14.56
CA LEU B 20 3.77 -4.80 15.04
C LEU B 20 3.57 -5.96 16.01
N LEU B 21 4.01 -7.15 15.64
CA LEU B 21 3.85 -8.30 16.50
C LEU B 21 5.19 -8.75 17.06
N ASN B 22 5.19 -9.23 18.30
CA ASN B 22 6.43 -9.73 18.87
C ASN B 22 6.47 -11.23 18.60
N GLU B 23 7.45 -11.93 19.17
CA GLU B 23 7.60 -13.36 18.95
C GLU B 23 6.43 -14.21 19.44
N ARG B 24 5.62 -13.68 20.37
CA ARG B 24 4.49 -14.43 20.90
C ARG B 24 3.17 -14.13 20.19
N GLY B 25 3.18 -13.14 19.30
CA GLY B 25 1.97 -12.79 18.60
C GLY B 25 1.24 -11.64 19.27
N ASP B 26 1.85 -11.05 20.29
CA ASP B 26 1.23 -9.92 20.98
C ASP B 26 1.33 -8.72 20.03
N ILE B 27 0.36 -7.81 20.12
CA ILE B 27 0.36 -6.65 19.25
C ILE B 27 0.69 -5.36 19.99
N LEU B 28 1.44 -4.49 19.32
CA LEU B 28 1.82 -3.20 19.90
C LEU B 28 0.72 -2.18 19.62
N LEU B 29 0.14 -1.63 20.67
CA LEU B 29 -0.92 -0.64 20.56
C LEU B 29 -0.58 0.66 21.28
N VAL B 30 -1.17 1.75 20.78
CA VAL B 30 -0.96 3.08 21.33
C VAL B 30 -2.30 3.56 21.89
N GLN B 31 -2.27 4.15 23.08
CA GLN B 31 -3.49 4.63 23.72
C GLN B 31 -3.63 6.15 23.67
N GLU B 32 -4.84 6.60 23.35
CA GLU B 32 -5.16 8.03 23.29
C GLU B 32 -5.17 8.58 24.73
N LYS B 33 -5.02 9.89 24.84
CA LYS B 33 -5.07 10.51 26.17
C LYS B 33 -6.49 10.98 26.57
N GLY B 34 -7.48 10.15 26.94
CA GLY B 34 -8.77 10.73 27.43
C GLY B 34 -10.04 10.82 26.54
N ILE B 35 -11.11 11.53 27.00
CA ILE B 35 -12.42 11.70 26.32
C ILE B 35 -12.80 10.47 25.51
N PRO B 39 -15.47 11.36 28.26
CA PRO B 39 -15.27 11.93 29.60
C PRO B 39 -14.05 11.39 30.23
N GLU B 40 -12.99 11.74 29.51
CA GLU B 40 -11.60 11.47 29.76
C GLU B 40 -11.16 10.04 30.12
N LYS B 41 -11.67 9.44 31.17
CA LYS B 41 -11.05 8.17 31.44
C LYS B 41 -11.15 7.19 30.28
N ALA B 42 -10.05 6.50 30.29
CA ALA B 42 -9.67 5.44 29.41
C ALA B 42 -9.70 5.83 27.97
N GLY B 43 -8.58 6.31 27.47
CA GLY B 43 -8.53 6.62 26.06
C GLY B 43 -8.58 5.32 25.29
N LEU B 44 -8.97 5.37 24.02
CA LEU B 44 -9.05 4.16 23.20
C LEU B 44 -7.70 3.80 22.59
N TRP B 45 -7.58 2.57 22.10
CA TRP B 45 -6.33 2.07 21.54
C TRP B 45 -6.33 1.94 20.03
N HIS B 46 -5.16 2.18 19.44
CA HIS B 46 -4.98 2.09 17.99
C HIS B 46 -3.56 1.63 17.66
N ILE B 47 -3.31 1.29 16.41
CA ILE B 47 -1.97 0.86 16.02
C ILE B 47 -1.07 2.09 15.90
N PRO B 48 0.25 1.89 15.99
CA PRO B 48 1.16 3.05 15.86
C PRO B 48 0.94 3.51 14.43
N SER B 49 0.59 4.77 14.26
CA SER B 49 0.30 5.31 12.93
C SER B 49 0.33 6.82 12.98
N GLY B 50 0.69 7.43 11.85
CA GLY B 50 0.74 8.88 11.80
C GLY B 50 0.62 9.37 10.38
N ALA B 51 0.58 10.69 10.23
CA ALA B 51 0.45 11.30 8.92
C ALA B 51 1.66 11.10 8.02
N VAL B 52 1.39 10.85 6.75
CA VAL B 52 2.44 10.70 5.75
C VAL B 52 2.65 12.10 5.19
N GLU B 53 3.89 12.55 5.15
CA GLU B 53 4.18 13.87 4.61
C GLU B 53 3.82 13.84 3.13
N ASP B 54 3.34 14.96 2.60
CA ASP B 54 2.99 15.02 1.19
C ASP B 54 4.23 14.70 0.37
N GLY B 55 4.11 13.70 -0.51
CA GLY B 55 5.23 13.31 -1.34
C GLY B 55 6.14 12.24 -0.77
N GLU B 56 6.12 12.02 0.55
CA GLU B 56 7.00 11.02 1.13
C GLU B 56 6.38 9.62 1.05
N ASN B 57 7.24 8.62 0.98
CA ASN B 57 6.82 7.24 0.86
C ASN B 57 6.05 6.76 2.09
N PRO B 58 4.80 6.29 1.90
CA PRO B 58 4.01 5.82 3.03
C PRO B 58 4.64 4.69 3.83
N GLN B 59 5.40 3.83 3.16
CA GLN B 59 6.04 2.72 3.85
C GLN B 59 7.07 3.27 4.82
N ASP B 60 7.85 4.26 4.37
CA ASP B 60 8.86 4.85 5.23
C ASP B 60 8.19 5.58 6.39
N ALA B 61 7.04 6.20 6.10
CA ALA B 61 6.30 6.94 7.12
C ALA B 61 5.81 5.99 8.22
N ALA B 62 5.38 4.80 7.84
CA ALA B 62 4.88 3.83 8.82
C ALA B 62 5.99 3.47 9.79
N VAL B 63 7.18 3.27 9.24
CA VAL B 63 8.36 2.92 10.03
C VAL B 63 8.75 4.08 10.94
N ARG B 64 8.73 5.30 10.38
CA ARG B 64 9.09 6.48 11.14
C ARG B 64 8.12 6.71 12.30
N GLU B 65 6.84 6.68 11.99
CA GLU B 65 5.80 6.90 12.99
C GLU B 65 5.87 5.89 14.14
N ALA B 66 6.11 4.63 13.80
CA ALA B 66 6.18 3.59 14.82
C ALA B 66 7.28 3.91 15.81
N CYS B 67 8.42 4.38 15.30
CA CYS B 67 9.54 4.72 16.16
C CYS B 67 9.23 5.96 16.99
N GLU B 68 8.65 6.97 16.34
CA GLU B 68 8.31 8.21 17.03
C GLU B 68 7.37 7.98 18.20
N GLU B 69 6.37 7.13 18.02
CA GLU B 69 5.38 6.89 19.06
C GLU B 69 5.74 5.86 20.11
N THR B 70 6.51 4.84 19.73
CA THR B 70 6.87 3.78 20.67
C THR B 70 8.33 3.66 21.07
N GLY B 71 9.21 4.36 20.34
CA GLY B 71 10.63 4.29 20.63
C GLY B 71 11.29 3.07 20.01
N LEU B 72 10.49 2.28 19.29
CA LEU B 72 11.01 1.06 18.68
C LEU B 72 11.32 1.20 17.20
N ARG B 73 12.51 0.76 16.81
CA ARG B 73 12.91 0.76 15.41
C ARG B 73 12.25 -0.51 14.87
N VAL B 74 11.52 -0.40 13.76
CA VAL B 74 10.84 -1.56 13.21
C VAL B 74 11.15 -1.79 11.74
N ARG B 75 10.94 -3.03 11.30
CA ARG B 75 11.20 -3.40 9.92
C ARG B 75 9.88 -3.80 9.26
N PRO B 76 9.53 -3.14 8.15
CA PRO B 76 8.28 -3.50 7.48
C PRO B 76 8.49 -4.87 6.85
N VAL B 77 7.57 -5.79 7.11
CA VAL B 77 7.68 -7.15 6.60
C VAL B 77 6.82 -7.39 5.36
N LYS B 78 5.58 -6.89 5.41
CA LYS B 78 4.66 -7.06 4.28
C LYS B 78 3.50 -6.08 4.37
N PHE B 79 3.05 -5.60 3.22
CA PHE B 79 1.92 -4.68 3.16
C PHE B 79 0.68 -5.49 3.49
N LEU B 80 -0.19 -4.95 4.35
CA LEU B 80 -1.41 -5.66 4.70
C LEU B 80 -2.62 -5.06 3.99
N GLY B 81 -2.70 -3.74 3.93
CA GLY B 81 -3.84 -3.14 3.26
C GLY B 81 -3.97 -1.65 3.47
N ALA B 82 -4.89 -1.05 2.74
CA ALA B 82 -5.15 0.38 2.87
C ALA B 82 -6.65 0.56 2.81
N TYR B 83 -7.18 1.51 3.58
CA TYR B 83 -8.60 1.75 3.56
C TYR B 83 -8.89 3.25 3.61
N LEU B 84 -10.09 3.60 3.17
CA LEU B 84 -10.50 4.99 3.03
C LEU B 84 -11.56 5.51 3.98
N GLY B 85 -11.32 6.71 4.50
CA GLY B 85 -12.26 7.36 5.41
C GLY B 85 -12.51 8.78 4.94
N ARG B 86 -13.62 9.37 5.40
CA ARG B 86 -13.96 10.74 5.01
C ARG B 86 -14.37 11.56 6.22
N PHE B 87 -13.71 12.68 6.43
CA PHE B 87 -14.06 13.55 7.54
C PHE B 87 -15.36 14.29 7.19
N PRO B 88 -16.05 14.83 8.20
CA PRO B 88 -17.31 15.55 7.97
C PRO B 88 -17.21 16.66 6.93
N ASP B 89 -16.05 17.28 6.81
CA ASP B 89 -15.89 18.35 5.82
C ASP B 89 -15.63 17.85 4.41
N GLY B 90 -15.61 16.52 4.25
CA GLY B 90 -15.40 15.95 2.93
C GLY B 90 -13.99 15.49 2.62
N VAL B 91 -13.04 15.82 3.50
CA VAL B 91 -11.65 15.43 3.28
C VAL B 91 -11.45 13.93 3.36
N LEU B 92 -10.78 13.36 2.36
CA LEU B 92 -10.50 11.93 2.35
C LEU B 92 -9.15 11.62 2.95
N ILE B 93 -9.09 10.52 3.68
CA ILE B 93 -7.83 10.09 4.27
C ILE B 93 -7.65 8.61 3.95
N LEU B 94 -6.49 8.27 3.40
CA LEU B 94 -6.19 6.90 3.05
C LEU B 94 -5.19 6.38 4.06
N ARG B 95 -5.59 5.37 4.83
CA ARG B 95 -4.73 4.79 5.86
C ARG B 95 -4.05 3.53 5.31
N HIS B 96 -2.72 3.45 5.49
CA HIS B 96 -1.96 2.30 5.02
C HIS B 96 -1.44 1.49 6.20
N VAL B 97 -1.43 0.17 6.07
CA VAL B 97 -0.99 -0.70 7.14
C VAL B 97 -0.02 -1.79 6.70
N TRP B 98 1.09 -1.89 7.42
CA TRP B 98 2.10 -2.91 7.16
C TRP B 98 2.29 -3.81 8.35
N LEU B 99 2.62 -5.05 8.05
CA LEU B 99 2.95 -5.99 9.08
C LEU B 99 4.40 -5.66 9.40
N ALA B 100 4.76 -5.52 10.66
CA ALA B 100 6.14 -5.17 10.97
C ALA B 100 6.68 -6.00 12.11
N GLU B 101 7.99 -6.03 12.22
CA GLU B 101 8.68 -6.74 13.28
C GLU B 101 9.67 -5.75 13.89
N PRO B 102 9.86 -5.82 15.21
CA PRO B 102 10.81 -4.89 15.83
C PRO B 102 12.22 -5.40 15.65
N GLU B 103 13.18 -4.50 15.58
CA GLU B 103 14.57 -4.92 15.47
C GLU B 103 14.89 -5.41 16.88
N PRO B 104 15.80 -6.39 17.01
CA PRO B 104 16.17 -6.93 18.31
C PRO B 104 16.87 -5.96 19.26
N GLY B 105 16.93 -6.35 20.54
CA GLY B 105 17.59 -5.54 21.55
C GLY B 105 17.02 -4.16 21.79
N GLN B 106 15.70 -4.06 21.84
CA GLN B 106 15.06 -2.77 22.07
C GLN B 106 14.12 -2.75 23.26
N THR B 107 13.94 -1.55 23.81
CA THR B 107 13.08 -1.34 24.96
C THR B 107 11.92 -0.41 24.59
N LEU B 108 10.70 -0.80 24.94
CA LEU B 108 9.53 0.01 24.66
C LEU B 108 9.63 1.31 25.48
N ALA B 109 9.59 2.44 24.79
CA ALA B 109 9.68 3.75 25.45
C ALA B 109 8.77 4.72 24.71
N PRO B 110 7.46 4.68 25.00
CA PRO B 110 6.45 5.53 24.38
C PRO B 110 6.69 7.04 24.51
N ALA B 111 6.21 7.78 23.51
CA ALA B 111 6.34 9.23 23.50
C ALA B 111 5.05 9.80 24.09
N PHE B 112 5.14 10.30 25.32
CA PHE B 112 3.98 10.85 26.00
C PHE B 112 3.71 12.28 25.54
N THR B 113 2.58 12.45 24.88
CA THR B 113 2.18 13.76 24.36
C THR B 113 0.72 14.03 24.67
N ASP B 114 0.18 15.12 24.13
CA ASP B 114 -1.22 15.45 24.37
C ASP B 114 -2.12 14.50 23.57
N GLU B 115 -1.51 13.70 22.71
CA GLU B 115 -2.25 12.75 21.89
C GLU B 115 -2.02 11.30 22.30
N ILE B 116 -0.90 11.03 22.95
CA ILE B 116 -0.57 9.67 23.37
C ILE B 116 -0.37 9.52 24.87
N ALA B 117 -1.15 8.63 25.48
CA ALA B 117 -1.08 8.36 26.92
C ALA B 117 0.03 7.37 27.21
N GLU B 118 0.17 6.39 26.33
CA GLU B 118 1.20 5.36 26.44
C GLU B 118 1.05 4.37 25.30
N ALA B 119 1.91 3.37 25.28
CA ALA B 119 1.87 2.34 24.26
C ALA B 119 2.33 1.06 24.90
N SER B 120 1.81 -0.05 24.44
CA SER B 120 2.20 -1.32 25.03
C SER B 120 1.80 -2.52 24.19
N PHE B 121 2.43 -3.65 24.50
CA PHE B 121 2.14 -4.89 23.83
C PHE B 121 0.96 -5.51 24.56
N VAL B 122 0.00 -6.02 23.80
CA VAL B 122 -1.19 -6.63 24.36
C VAL B 122 -1.36 -8.02 23.75
N SER B 123 -1.67 -9.01 24.57
CA SER B 123 -1.84 -10.37 24.07
C SER B 123 -3.08 -10.54 23.22
N ARG B 124 -3.13 -11.62 22.46
CA ARG B 124 -4.29 -11.90 21.61
C ARG B 124 -5.55 -11.97 22.47
N GLU B 125 -5.46 -12.69 23.59
CA GLU B 125 -6.60 -12.85 24.48
C GLU B 125 -7.10 -11.52 25.03
N ASP B 126 -6.21 -10.68 25.52
CA ASP B 126 -6.65 -9.40 26.05
C ASP B 126 -7.10 -8.46 24.95
N PHE B 127 -6.56 -8.63 23.74
CA PHE B 127 -7.00 -7.78 22.64
C PHE B 127 -8.46 -8.10 22.37
N ALA B 128 -8.79 -9.38 22.38
CA ALA B 128 -10.16 -9.82 22.15
C ALA B 128 -11.10 -9.16 23.16
N GLN B 129 -10.66 -9.06 24.41
CA GLN B 129 -11.47 -8.44 25.45
C GLN B 129 -11.60 -6.95 25.19
N LEU B 130 -10.49 -6.31 24.84
CA LEU B 130 -10.50 -4.89 24.54
C LEU B 130 -11.46 -4.57 23.41
N TYR B 131 -11.44 -5.40 22.38
CA TYR B 131 -12.30 -5.22 21.22
C TYR B 131 -13.77 -5.36 21.62
N ALA B 132 -14.09 -6.42 22.36
CA ALA B 132 -15.47 -6.65 22.79
C ALA B 132 -15.94 -5.49 23.66
N ALA B 133 -15.03 -4.93 24.44
CA ALA B 133 -15.32 -3.82 25.33
C ALA B 133 -15.43 -2.47 24.64
N GLY B 134 -15.22 -2.46 23.33
CA GLY B 134 -15.30 -1.23 22.56
C GLY B 134 -14.15 -0.28 22.85
N GLN B 135 -12.97 -0.83 23.12
CA GLN B 135 -11.81 -0.03 23.45
C GLN B 135 -10.82 0.12 22.29
N ILE B 136 -11.14 -0.44 21.13
CA ILE B 136 -10.28 -0.35 19.96
C ILE B 136 -10.92 0.72 19.06
N ARG B 137 -10.29 1.88 18.98
CA ARG B 137 -10.81 3.01 18.20
C ARG B 137 -11.29 2.65 16.80
N MET B 138 -10.44 2.01 16.02
CA MET B 138 -10.80 1.62 14.67
C MET B 138 -10.92 0.11 14.59
N TYR B 139 -12.09 -0.38 14.23
CA TYR B 139 -12.29 -1.81 14.16
C TYR B 139 -11.36 -2.49 13.16
N GLN B 140 -10.88 -1.71 12.19
CA GLN B 140 -9.94 -2.25 11.19
C GLN B 140 -8.72 -2.85 11.89
N THR B 141 -8.41 -2.37 13.08
CA THR B 141 -7.27 -2.90 13.82
C THR B 141 -7.40 -4.41 14.03
N LYS B 142 -8.61 -4.85 14.39
CA LYS B 142 -8.83 -6.28 14.58
C LYS B 142 -8.68 -7.03 13.27
N LEU B 143 -9.21 -6.46 12.19
CA LEU B 143 -9.12 -7.11 10.90
C LEU B 143 -7.66 -7.31 10.49
N PHE B 144 -6.85 -6.26 10.63
CA PHE B 144 -5.45 -6.36 10.26
C PHE B 144 -4.64 -7.21 11.25
N TYR B 145 -5.03 -7.22 12.52
CA TYR B 145 -4.31 -8.03 13.50
C TYR B 145 -4.54 -9.49 13.10
N ALA B 146 -5.77 -9.80 12.69
CA ALA B 146 -6.12 -11.14 12.26
C ALA B 146 -5.29 -11.52 11.04
N ASP B 147 -5.16 -10.59 10.09
CA ASP B 147 -4.37 -10.83 8.89
C ASP B 147 -2.92 -11.11 9.25
N ALA B 148 -2.39 -10.30 10.15
CA ALA B 148 -0.99 -10.43 10.57
C ALA B 148 -0.75 -11.78 11.25
N LEU B 149 -1.67 -12.19 12.11
CA LEU B 149 -1.55 -13.47 12.79
C LEU B 149 -1.49 -14.60 11.77
N ARG B 150 -2.37 -14.56 10.76
CA ARG B 150 -2.37 -15.59 9.74
C ARG B 150 -1.08 -15.62 8.93
N GLU B 151 -0.57 -14.43 8.60
CA GLU B 151 0.68 -14.31 7.84
C GLU B 151 1.87 -14.93 8.57
N LYS B 152 1.98 -14.67 9.87
CA LYS B 152 3.08 -15.19 10.67
C LYS B 152 2.91 -16.65 11.08
N GLY B 153 1.68 -17.13 11.07
CA GLY B 153 1.42 -18.51 11.46
C GLY B 153 0.98 -18.66 12.91
N PHE B 154 0.63 -17.55 13.54
CA PHE B 154 0.18 -17.55 14.94
C PHE B 154 -1.28 -17.99 15.02
N PRO B 155 -1.73 -18.38 16.22
CA PRO B 155 -3.12 -18.81 16.40
C PRO B 155 -4.03 -17.59 16.16
N ALA B 156 -5.27 -17.83 15.76
CA ALA B 156 -6.20 -16.74 15.50
C ALA B 156 -6.78 -16.16 16.79
N LEU B 157 -7.36 -14.97 16.70
CA LEU B 157 -7.97 -14.33 17.85
C LEU B 157 -9.13 -15.21 18.34
N PRO B 158 -9.36 -15.24 19.67
CA PRO B 158 -10.43 -16.03 20.28
C PRO B 158 -11.77 -15.93 19.54
MG MG C . -6.59 -10.91 -13.45
PG GNP D . -4.11 -3.39 -16.94
O1G GNP D . -4.73 -2.85 -18.31
O2G GNP D . -3.23 -3.06 -16.29
O3G GNP D . -3.82 -5.06 -17.64
N3B GNP D . -5.54 -3.68 -16.15
PB GNP D . -5.60 -3.44 -14.58
O1B GNP D . -6.10 -2.07 -14.35
O2B GNP D . -4.25 -3.69 -14.06
O3A GNP D . -6.63 -4.44 -13.88
PA GNP D . -7.91 -4.29 -12.91
O1A GNP D . -7.97 -2.86 -12.46
O2A GNP D . -7.87 -5.33 -11.85
O5' GNP D . -9.09 -4.60 -13.92
C5' GNP D . -10.44 -4.22 -13.68
C4' GNP D . -10.80 -3.04 -14.56
O4' GNP D . -12.18 -3.14 -14.98
C3' GNP D . -10.68 -1.68 -13.88
O3' GNP D . -9.36 -1.18 -14.01
C2' GNP D . -11.70 -0.84 -14.61
O2' GNP D . -11.07 -0.24 -15.74
C1' GNP D . -12.72 -1.82 -15.15
N9 GNP D . -14.02 -1.84 -14.47
C8 GNP D . -14.38 -2.69 -13.45
N7 GNP D . -15.59 -2.52 -13.03
C5 GNP D . -16.09 -1.48 -13.81
C6 GNP D . -17.36 -0.86 -13.82
O6 GNP D . -18.34 -1.08 -13.10
N1 GNP D . -17.44 0.14 -14.78
C2 GNP D . -16.41 0.47 -15.63
N2 GNP D . -16.70 1.47 -16.48
N3 GNP D . -15.22 -0.10 -15.64
C4 GNP D . -15.12 -1.07 -14.70
PG GNP E . -3.20 8.62 13.08
O1G GNP E . -3.43 8.70 14.57
O2G GNP E . -4.15 7.69 12.37
O3G GNP E . -1.75 8.19 12.81
N3B GNP E . -3.45 10.09 12.49
PB GNP E . -3.00 10.64 11.06
O1B GNP E . -3.75 9.94 10.00
O2B GNP E . -1.53 10.62 10.89
O3A GNP E . -3.50 12.15 11.07
PA GNP E . -4.22 13.16 10.02
O1A GNP E . -5.58 12.61 9.74
O2A GNP E . -3.33 13.39 8.85
O5' GNP E . -4.32 14.48 10.90
C5' GNP E . -4.37 14.45 12.33
C4' GNP E . -5.81 14.32 12.78
O4' GNP E . -6.56 15.50 12.41
C3' GNP E . -6.56 13.16 12.14
O3' GNP E . -6.39 11.97 12.92
C2' GNP E . -8.00 13.63 12.14
O2' GNP E . -8.60 13.26 13.37
C1' GNP E . -7.91 15.14 12.14
N9 GNP E . -8.25 15.80 10.88
C8 GNP E . -7.36 16.19 9.90
N7 GNP E . -7.91 16.76 8.88
C5 GNP E . -9.26 16.79 9.18
C6 GNP E . -10.36 17.31 8.45
O6 GNP E . -10.38 17.85 7.35
N1 GNP E . -11.57 17.11 9.13
C2 GNP E . -11.68 16.52 10.36
N2 GNP E . -12.92 16.43 10.84
N3 GNP E . -10.66 16.04 11.06
C4 GNP E . -9.48 16.20 10.41
MG MG F . 3.05 12.66 13.03
#